data_5W5J
#
_entry.id   5W5J
#
_cell.length_a   58.213
_cell.length_b   92.264
_cell.length_c   126.630
_cell.angle_alpha   90.00
_cell.angle_beta   90.00
_cell.angle_gamma   90.00
#
_symmetry.space_group_name_H-M   'P 21 21 21'
#
loop_
_entity.id
_entity.type
_entity.pdbx_description
1 polymer 'Receptor-interacting serine/threonine-protein kinase 2'
2 non-polymer N-(2-chlorophenyl)pyrazolo[1,5-a]pyridine-3-carboxamide
3 non-polymer 'SULFATE ION'
4 water water
#
_entity_poly.entity_id   1
_entity_poly.type   'polypeptide(L)'
_entity_poly.pdbx_seq_one_letter_code
;NGEAICSALPTIPYHKLADLRYLSRGASGTVSSARHADWRVQVAVKHLHIHTPLLDSERKDVLREAEILHKARFSYILPI
LGICNEPEFLGIVTEYMPNGSLNELLHRKTEYPDVAWPLRFRILHEIALGVNYLHNMTPPLLHHDLKTQNILLDNEFHVK
IADFGLSKWRMMSLSQSRSSKSAPEGGTIIYMPPENYEPGQKSRASIKHDIYSYAVITWEVLSRKQPFEDVTNPLQIMYS
VSQGHRPVINEESLPYDIPHRARMISLIESGWAQNPDERPSFLKCLIELEPVLRTFEEITFLEAVIQLKK
;
_entity_poly.pdbx_strand_id   A,B
#
loop_
_chem_comp.id
_chem_comp.type
_chem_comp.name
_chem_comp.formula
9WS non-polymer N-(2-chlorophenyl)pyrazolo[1,5-a]pyridine-3-carboxamide 'C14 H10 Cl N3 O'
SO4 non-polymer 'SULFATE ION' 'O4 S -2'
#
# COMPACT_ATOMS: atom_id res chain seq x y z
N ALA A 8 -8.38 19.75 -0.52
CA ALA A 8 -9.26 19.17 0.50
C ALA A 8 -8.60 18.02 1.28
N LEU A 9 -9.12 17.75 2.49
CA LEU A 9 -8.70 16.67 3.40
C LEU A 9 -9.94 16.29 4.18
N PRO A 10 -10.37 15.00 4.28
CA PRO A 10 -11.62 14.74 4.97
C PRO A 10 -11.59 14.93 6.48
N THR A 11 -12.76 15.27 7.05
CA THR A 11 -12.98 15.49 8.48
C THR A 11 -13.61 14.25 9.10
N ILE A 12 -12.92 13.70 10.09
CA ILE A 12 -13.38 12.49 10.75
C ILE A 12 -13.96 12.82 12.14
N PRO A 13 -15.25 12.52 12.38
CA PRO A 13 -15.82 12.78 13.69
C PRO A 13 -15.21 11.85 14.74
N TYR A 14 -14.70 12.44 15.84
CA TYR A 14 -14.09 11.75 16.99
C TYR A 14 -14.96 10.56 17.50
N HIS A 15 -16.31 10.67 17.36
CA HIS A 15 -17.25 9.64 17.79
C HIS A 15 -17.24 8.39 16.88
N LYS A 16 -16.70 8.52 15.63
CA LYS A 16 -16.58 7.39 14.67
C LYS A 16 -15.39 6.50 15.04
N LEU A 17 -14.54 6.98 15.97
CA LEU A 17 -13.36 6.28 16.47
C LEU A 17 -13.73 5.52 17.75
N ALA A 18 -13.97 4.21 17.62
CA ALA A 18 -14.32 3.30 18.71
C ALA A 18 -13.07 2.69 19.30
N ASP A 19 -13.17 2.06 20.48
CA ASP A 19 -12.11 1.33 21.19
C ASP A 19 -10.71 1.99 21.19
N LEU A 20 -10.66 3.31 21.45
CA LEU A 20 -9.44 4.10 21.49
C LEU A 20 -8.41 3.63 22.55
N ARG A 21 -7.41 2.82 22.12
CA ARG A 21 -6.34 2.29 22.97
C ARG A 21 -4.96 2.88 22.63
N TYR A 22 -4.20 3.27 23.67
CA TYR A 22 -2.85 3.86 23.53
C TYR A 22 -1.89 2.99 22.70
N LEU A 23 -1.15 3.64 21.78
CA LEU A 23 -0.15 3.02 20.94
C LEU A 23 1.24 3.49 21.32
N SER A 24 1.53 4.80 21.16
CA SER A 24 2.83 5.42 21.43
C SER A 24 2.69 6.90 21.78
N ARG A 25 3.80 7.46 22.28
CA ARG A 25 4.06 8.86 22.68
C ARG A 25 5.59 8.96 22.87
N GLY A 26 6.30 9.56 21.93
CA GLY A 26 5.76 10.27 20.77
C GLY A 26 5.98 11.75 20.94
N ALA A 27 7.13 12.25 20.42
CA ALA A 27 7.54 13.66 20.50
C ALA A 27 6.52 14.65 19.93
N SER A 28 5.77 14.21 18.89
CA SER A 28 4.77 15.01 18.18
C SER A 28 3.29 14.75 18.61
N GLY A 29 3.06 14.32 19.84
CA GLY A 29 1.71 14.05 20.34
C GLY A 29 1.49 12.59 20.68
N THR A 30 0.31 12.26 21.23
CA THR A 30 0.03 10.86 21.61
C THR A 30 -0.78 10.11 20.56
N VAL A 31 -0.17 9.02 20.06
CA VAL A 31 -0.73 8.14 19.04
C VAL A 31 -1.49 7.03 19.75
N SER A 32 -2.71 6.78 19.26
CA SER A 32 -3.57 5.73 19.77
C SER A 32 -4.33 5.06 18.64
N SER A 33 -4.50 3.74 18.74
CA SER A 33 -5.27 3.00 17.76
C SER A 33 -6.76 3.21 18.06
N ALA A 34 -7.62 2.97 17.06
CA ALA A 34 -9.08 3.10 17.14
C ALA A 34 -9.69 2.30 15.99
N ARG A 35 -10.98 1.95 16.08
CA ARG A 35 -11.70 1.26 15.00
C ARG A 35 -12.69 2.25 14.39
N HIS A 36 -12.60 2.50 13.05
CA HIS A 36 -13.53 3.42 12.39
C HIS A 36 -14.88 2.71 12.24
N ALA A 37 -15.92 3.29 12.88
CA ALA A 37 -17.29 2.77 12.94
C ALA A 37 -17.90 2.43 11.58
N ASP A 38 -17.69 3.32 10.59
CA ASP A 38 -18.21 3.17 9.23
C ASP A 38 -17.32 2.33 8.34
N TRP A 39 -15.98 2.60 8.34
CA TRP A 39 -15.01 1.91 7.50
C TRP A 39 -14.71 0.49 7.93
N ARG A 40 -14.94 0.18 9.22
CA ARG A 40 -14.74 -1.15 9.80
C ARG A 40 -13.28 -1.63 9.69
N VAL A 41 -12.34 -0.71 10.00
CA VAL A 41 -10.89 -0.91 9.97
C VAL A 41 -10.25 -0.24 11.17
N GLN A 42 -9.04 -0.72 11.53
CA GLN A 42 -8.21 -0.11 12.57
C GLN A 42 -7.55 1.12 11.97
N VAL A 43 -7.51 2.21 12.72
CA VAL A 43 -6.86 3.46 12.32
C VAL A 43 -5.94 3.89 13.47
N ALA A 44 -5.16 4.92 13.25
CA ALA A 44 -4.32 5.45 14.29
C ALA A 44 -4.61 6.92 14.33
N VAL A 45 -4.76 7.45 15.53
CA VAL A 45 -5.07 8.86 15.74
C VAL A 45 -4.08 9.50 16.74
N LYS A 46 -3.49 10.64 16.33
CA LYS A 46 -2.49 11.41 17.09
C LYS A 46 -3.09 12.76 17.48
N HIS A 47 -2.96 13.19 18.78
CA HIS A 47 -3.46 14.51 19.22
C HIS A 47 -2.50 15.61 18.79
N ILE A 68 -0.44 20.43 3.86
CA ILE A 68 0.81 20.17 3.14
C ILE A 68 1.08 18.66 3.03
N LEU A 69 0.91 17.93 4.17
CA LEU A 69 1.08 16.49 4.32
C LEU A 69 0.05 15.69 3.51
N HIS A 70 -1.18 16.22 3.35
CA HIS A 70 -2.24 15.57 2.58
C HIS A 70 -1.91 15.53 1.08
N LYS A 71 -1.11 16.50 0.58
CA LYS A 71 -0.67 16.55 -0.82
C LYS A 71 0.28 15.38 -1.11
N ALA A 72 1.13 15.03 -0.12
CA ALA A 72 2.11 13.94 -0.18
C ALA A 72 1.46 12.54 -0.20
N ARG A 73 1.24 12.00 -1.40
CA ARG A 73 0.68 10.66 -1.57
C ARG A 73 1.72 9.81 -2.33
N PHE A 74 2.41 8.90 -1.58
CA PHE A 74 3.45 8.01 -2.10
C PHE A 74 3.49 6.71 -1.30
N SER A 75 3.72 5.59 -2.00
CA SER A 75 3.77 4.22 -1.48
C SER A 75 4.54 4.01 -0.17
N TYR A 76 5.52 4.88 0.13
CA TYR A 76 6.41 4.72 1.27
C TYR A 76 6.32 5.80 2.33
N ILE A 77 5.27 6.62 2.23
CA ILE A 77 4.96 7.67 3.19
C ILE A 77 3.70 7.18 3.86
N LEU A 78 3.57 7.34 5.19
CA LEU A 78 2.38 6.92 5.92
C LEU A 78 1.15 7.76 5.44
N PRO A 79 0.10 7.06 4.94
CA PRO A 79 -1.07 7.75 4.42
C PRO A 79 -1.93 8.40 5.48
N ILE A 80 -2.24 9.69 5.31
CA ILE A 80 -3.11 10.48 6.18
C ILE A 80 -4.56 10.21 5.71
N LEU A 81 -5.33 9.45 6.49
CA LEU A 81 -6.71 9.12 6.14
C LEU A 81 -7.71 10.29 6.33
N GLY A 82 -7.41 11.19 7.26
CA GLY A 82 -8.22 12.37 7.55
C GLY A 82 -7.80 13.16 8.76
N ILE A 83 -8.63 14.13 9.16
CA ILE A 83 -8.39 15.01 10.30
C ILE A 83 -9.63 15.14 11.21
N CYS A 84 -9.39 15.19 12.53
CA CYS A 84 -10.44 15.40 13.53
C CYS A 84 -10.44 16.86 13.88
N ASN A 85 -11.64 17.46 14.01
CA ASN A 85 -11.79 18.88 14.33
C ASN A 85 -12.75 19.16 15.51
N GLU A 86 -13.34 18.10 16.11
CA GLU A 86 -14.26 18.19 17.26
C GLU A 86 -13.58 18.96 18.42
N PRO A 87 -14.06 20.18 18.78
CA PRO A 87 -13.38 20.96 19.83
C PRO A 87 -13.47 20.36 21.23
N PHE A 89 -9.78 15.86 19.15
CA PHE A 89 -9.57 17.30 19.12
C PHE A 89 -8.27 17.67 18.38
N LEU A 90 -8.41 18.36 17.22
CA LEU A 90 -7.32 18.78 16.32
C LEU A 90 -6.28 17.63 16.07
N GLY A 91 -6.78 16.39 15.90
CA GLY A 91 -5.96 15.21 15.68
C GLY A 91 -5.83 14.75 14.24
N ILE A 92 -4.72 14.05 13.93
CA ILE A 92 -4.44 13.48 12.60
C ILE A 92 -4.75 11.98 12.63
N VAL A 93 -5.49 11.53 11.62
CA VAL A 93 -5.84 10.13 11.44
C VAL A 93 -5.02 9.53 10.29
N THR A 94 -4.27 8.46 10.59
CA THR A 94 -3.52 7.73 9.58
C THR A 94 -3.94 6.26 9.64
N GLU A 95 -3.33 5.46 8.76
CA GLU A 95 -3.54 4.01 8.72
C GLU A 95 -2.85 3.41 9.96
N TYR A 96 -3.35 2.29 10.44
CA TYR A 96 -2.72 1.62 11.56
C TYR A 96 -1.65 0.68 10.98
N MET A 97 -0.40 0.83 11.43
CA MET A 97 0.73 -0.01 11.00
C MET A 97 0.88 -1.17 12.01
N PRO A 98 0.45 -2.39 11.60
CA PRO A 98 0.44 -3.50 12.57
C PRO A 98 1.79 -4.00 13.04
N ASN A 99 2.89 -3.74 12.31
CA ASN A 99 4.22 -4.23 12.70
C ASN A 99 5.16 -3.20 13.32
N GLY A 100 4.58 -2.13 13.88
CA GLY A 100 5.29 -1.08 14.59
C GLY A 100 6.42 -0.38 13.85
N SER A 101 7.46 0.05 14.61
CA SER A 101 8.61 0.80 14.10
C SER A 101 9.76 -0.07 13.66
N LEU A 102 10.70 0.54 12.89
CA LEU A 102 11.92 -0.13 12.45
C LEU A 102 12.83 -0.39 13.66
N ASN A 103 12.79 0.52 14.64
CA ASN A 103 13.51 0.42 15.91
C ASN A 103 13.19 -0.89 16.61
N GLU A 104 11.87 -1.20 16.73
CA GLU A 104 11.37 -2.44 17.32
C GLU A 104 11.95 -3.67 16.57
N LEU A 105 11.86 -3.72 15.22
CA LEU A 105 12.41 -4.84 14.43
C LEU A 105 13.91 -5.11 14.65
N LEU A 106 14.72 -4.05 14.58
CA LEU A 106 16.17 -4.18 14.70
C LEU A 106 16.66 -4.57 16.09
N HIS A 107 15.94 -4.08 17.13
CA HIS A 107 16.38 -4.25 18.52
C HIS A 107 15.69 -5.28 19.41
N ARG A 108 14.41 -5.62 19.12
CA ARG A 108 13.65 -6.64 19.85
C ARG A 108 14.18 -7.97 19.29
N LYS A 109 15.34 -8.35 19.79
CA LYS A 109 16.06 -9.56 19.38
C LYS A 109 15.48 -10.86 19.92
N THR A 110 14.59 -10.80 20.91
CA THR A 110 13.98 -12.05 21.38
C THR A 110 12.80 -12.36 20.44
N GLU A 111 12.03 -11.32 20.09
CA GLU A 111 10.88 -11.37 19.18
C GLU A 111 11.36 -11.61 17.75
N TYR A 112 12.49 -10.96 17.35
CA TYR A 112 13.06 -11.07 16.02
C TYR A 112 14.49 -11.58 16.08
N PRO A 113 14.72 -12.88 16.41
CA PRO A 113 16.11 -13.40 16.47
C PRO A 113 16.87 -13.30 15.14
N ASP A 114 16.14 -13.36 14.01
CA ASP A 114 16.69 -13.28 12.65
C ASP A 114 15.87 -12.35 11.75
N VAL A 115 16.58 -11.40 11.09
CA VAL A 115 16.01 -10.45 10.14
C VAL A 115 16.84 -10.60 8.85
N ALA A 116 16.33 -11.33 7.87
CA ALA A 116 17.02 -11.63 6.61
C ALA A 116 17.46 -10.40 5.80
N TRP A 117 18.62 -10.52 5.12
CA TRP A 117 19.21 -9.49 4.28
C TRP A 117 18.28 -8.96 3.22
N PRO A 118 17.52 -9.77 2.45
CA PRO A 118 16.61 -9.19 1.46
C PRO A 118 15.63 -8.17 2.05
N LEU A 119 15.06 -8.48 3.23
CA LEU A 119 14.12 -7.60 3.92
C LEU A 119 14.82 -6.33 4.43
N ARG A 120 16.06 -6.47 4.94
CA ARG A 120 16.87 -5.35 5.44
C ARG A 120 17.18 -4.41 4.29
N PHE A 121 17.69 -4.99 3.17
CA PHE A 121 18.01 -4.25 1.96
C PHE A 121 16.78 -3.64 1.33
N ARG A 122 15.58 -4.25 1.52
CA ARG A 122 14.33 -3.71 0.99
C ARG A 122 13.87 -2.54 1.84
N ILE A 123 13.98 -2.65 3.19
CA ILE A 123 13.62 -1.57 4.12
C ILE A 123 14.41 -0.30 3.72
N LEU A 124 15.75 -0.41 3.65
CA LEU A 124 16.68 0.65 3.26
C LEU A 124 16.29 1.29 1.90
N HIS A 125 16.04 0.45 0.89
CA HIS A 125 15.63 0.90 -0.42
C HIS A 125 14.33 1.71 -0.39
N GLU A 126 13.34 1.24 0.36
CA GLU A 126 12.06 1.91 0.47
C GLU A 126 12.14 3.19 1.29
N ILE A 127 13.11 3.32 2.25
CA ILE A 127 13.35 4.57 3.02
C ILE A 127 13.89 5.62 2.03
N ALA A 128 14.98 5.27 1.29
CA ALA A 128 15.58 6.12 0.28
C ALA A 128 14.53 6.58 -0.73
N LEU A 129 13.61 5.67 -1.17
CA LEU A 129 12.52 6.02 -2.10
C LEU A 129 11.61 7.10 -1.52
N GLY A 130 11.19 6.89 -0.28
CA GLY A 130 10.28 7.78 0.45
C GLY A 130 10.83 9.15 0.69
N VAL A 131 12.10 9.22 1.17
CA VAL A 131 12.82 10.47 1.46
C VAL A 131 13.05 11.26 0.15
N ASN A 132 13.50 10.56 -0.92
CA ASN A 132 13.71 11.13 -2.24
C ASN A 132 12.40 11.70 -2.81
N TYR A 133 11.25 11.07 -2.50
CA TYR A 133 9.97 11.59 -2.94
C TYR A 133 9.71 12.95 -2.28
N LEU A 134 9.90 13.04 -0.96
CA LEU A 134 9.68 14.27 -0.19
C LEU A 134 10.57 15.39 -0.69
N HIS A 135 11.81 15.05 -1.10
CA HIS A 135 12.81 15.98 -1.63
C HIS A 135 12.45 16.58 -2.99
N ASN A 136 11.63 15.87 -3.78
CA ASN A 136 11.19 16.29 -5.10
C ASN A 136 9.86 17.01 -5.11
N MET A 137 9.20 17.12 -3.96
CA MET A 137 7.91 17.79 -3.79
C MET A 137 7.96 19.29 -4.16
N THR A 138 6.76 19.91 -4.31
CA THR A 138 6.62 21.34 -4.59
C THR A 138 5.64 21.96 -3.55
N PRO A 139 6.15 22.55 -2.44
CA PRO A 139 7.57 22.73 -2.07
C PRO A 139 8.16 21.49 -1.37
N PRO A 140 9.49 21.21 -1.45
CA PRO A 140 10.04 20.01 -0.79
C PRO A 140 9.94 20.04 0.73
N LEU A 141 9.81 18.85 1.32
CA LEU A 141 9.72 18.69 2.75
C LEU A 141 11.10 18.25 3.26
N LEU A 142 12.07 19.19 3.19
CA LEU A 142 13.43 18.99 3.67
C LEU A 142 13.47 19.20 5.21
N HIS A 143 12.40 19.83 5.80
CA HIS A 143 12.22 20.14 7.24
C HIS A 143 11.83 18.93 8.15
N HIS A 144 12.33 17.74 7.78
CA HIS A 144 12.11 16.46 8.45
C HIS A 144 13.21 16.11 9.49
N ASP A 145 12.86 15.24 10.46
CA ASP A 145 13.77 14.70 11.45
C ASP A 145 13.59 13.16 11.44
N LEU A 146 14.34 12.46 10.55
CA LEU A 146 14.30 11.02 10.29
C LEU A 146 14.96 10.14 11.35
N LYS A 147 14.21 9.18 11.88
CA LYS A 147 14.71 8.24 12.87
C LYS A 147 14.04 6.89 12.72
N THR A 148 14.64 5.81 13.29
CA THR A 148 14.11 4.45 13.23
C THR A 148 12.74 4.32 13.92
N GLN A 149 12.42 5.23 14.82
CA GLN A 149 11.16 5.25 15.55
C GLN A 149 10.01 5.81 14.68
N ASN A 150 10.33 6.62 13.63
CA ASN A 150 9.44 7.26 12.63
C ASN A 150 9.17 6.34 11.45
N ILE A 151 10.03 5.32 11.25
CA ILE A 151 9.94 4.42 10.12
C ILE A 151 9.06 3.25 10.55
N LEU A 152 7.79 3.28 10.10
CA LEU A 152 6.79 2.28 10.44
C LEU A 152 6.75 1.12 9.43
N LEU A 153 6.35 -0.06 9.92
CA LEU A 153 6.30 -1.27 9.10
C LEU A 153 4.90 -1.82 8.94
N ASP A 154 4.39 -1.74 7.70
CA ASP A 154 3.06 -2.26 7.35
C ASP A 154 2.92 -3.77 7.53
N ASN A 155 1.70 -4.29 7.29
CA ASN A 155 1.28 -5.69 7.39
C ASN A 155 2.27 -6.65 6.75
N GLU A 156 2.91 -6.25 5.65
CA GLU A 156 3.90 -7.04 4.91
C GLU A 156 5.33 -6.58 5.07
N PHE A 157 5.63 -5.82 6.12
CA PHE A 157 6.93 -5.25 6.42
C PHE A 157 7.45 -4.27 5.33
N HIS A 158 6.51 -3.58 4.66
CA HIS A 158 6.86 -2.52 3.74
C HIS A 158 6.91 -1.26 4.54
N VAL A 159 7.81 -0.36 4.13
CA VAL A 159 8.08 0.88 4.84
C VAL A 159 6.99 1.91 4.66
N LYS A 160 6.72 2.67 5.72
CA LYS A 160 5.81 3.82 5.68
C LYS A 160 6.41 4.87 6.61
N ILE A 161 7.03 5.93 6.04
CA ILE A 161 7.67 6.99 6.83
C ILE A 161 6.60 7.88 7.46
N ALA A 162 6.71 8.14 8.78
CA ALA A 162 5.78 8.96 9.54
C ALA A 162 6.54 10.18 10.13
N ASP A 163 7.16 10.98 9.24
CA ASP A 163 8.00 12.15 9.56
C ASP A 163 7.16 13.44 9.84
N PHE A 164 6.13 13.29 10.71
CA PHE A 164 5.16 14.33 11.09
C PHE A 164 4.32 13.85 12.30
N THR A 188 15.98 10.64 19.24
CA THR A 188 17.33 10.69 19.80
C THR A 188 18.33 11.40 18.87
N ILE A 189 19.31 12.17 19.47
CA ILE A 189 20.38 12.92 18.79
C ILE A 189 21.28 12.10 17.85
N ILE A 190 21.23 10.75 17.94
CA ILE A 190 22.05 9.87 17.11
C ILE A 190 21.85 10.01 15.62
N TYR A 191 20.67 10.48 15.20
CA TYR A 191 20.36 10.70 13.78
C TYR A 191 20.58 12.15 13.34
N MET A 192 20.83 13.05 14.29
CA MET A 192 21.03 14.47 14.03
C MET A 192 22.45 14.77 13.50
N PRO A 193 22.58 15.48 12.35
CA PRO A 193 23.93 15.83 11.88
C PRO A 193 24.55 16.90 12.79
N PRO A 194 25.90 16.95 12.92
CA PRO A 194 26.53 17.95 13.82
C PRO A 194 26.07 19.40 13.60
N GLU A 195 26.10 19.89 12.36
CA GLU A 195 25.72 21.24 11.98
C GLU A 195 24.31 21.69 12.43
N ASN A 196 23.49 20.75 12.92
CA ASN A 196 22.13 21.04 13.38
C ASN A 196 22.06 21.15 14.89
N TYR A 197 23.22 20.96 15.57
CA TYR A 197 23.30 21.00 17.03
C TYR A 197 22.93 22.38 17.57
N GLU A 198 23.38 23.44 16.87
CA GLU A 198 23.04 24.82 17.16
C GLU A 198 22.09 25.30 16.04
N PRO A 199 20.89 25.87 16.39
CA PRO A 199 19.96 26.38 15.34
C PRO A 199 20.59 27.23 14.22
N ILE A 207 18.64 20.84 1.96
CA ILE A 207 19.44 20.46 3.12
C ILE A 207 19.82 18.96 3.15
N LYS A 208 21.15 18.71 3.36
CA LYS A 208 21.81 17.41 3.45
C LYS A 208 21.76 16.83 4.90
N HIS A 209 20.63 17.08 5.59
CA HIS A 209 20.32 16.62 6.93
C HIS A 209 19.92 15.13 6.85
N ASP A 210 18.86 14.84 6.05
CA ASP A 210 18.28 13.52 5.85
C ASP A 210 19.25 12.43 5.49
N ILE A 211 20.22 12.73 4.62
CA ILE A 211 21.26 11.76 4.24
C ILE A 211 22.10 11.35 5.44
N TYR A 212 22.36 12.28 6.40
CA TYR A 212 23.13 11.98 7.60
C TYR A 212 22.40 10.95 8.45
N SER A 213 21.08 11.17 8.65
CA SER A 213 20.18 10.31 9.40
C SER A 213 20.13 8.93 8.75
N TYR A 214 19.89 8.90 7.44
CA TYR A 214 19.84 7.69 6.61
C TYR A 214 21.12 6.86 6.76
N ALA A 215 22.30 7.49 6.81
CA ALA A 215 23.56 6.79 6.98
C ALA A 215 23.69 6.10 8.35
N VAL A 216 23.15 6.69 9.44
CA VAL A 216 23.11 6.13 10.80
C VAL A 216 22.10 4.96 10.82
N ILE A 217 20.89 5.18 10.22
CA ILE A 217 19.84 4.16 10.06
C ILE A 217 20.43 2.95 9.30
N THR A 218 21.17 3.17 8.18
CA THR A 218 21.84 2.13 7.41
C THR A 218 22.83 1.35 8.27
N TRP A 219 23.66 2.05 9.07
CA TRP A 219 24.61 1.39 9.95
C TRP A 219 23.86 0.51 10.97
N GLU A 220 22.75 1.04 11.49
CA GLU A 220 21.91 0.39 12.51
C GLU A 220 21.19 -0.85 11.94
N VAL A 221 20.72 -0.79 10.67
CA VAL A 221 20.03 -1.88 9.98
C VAL A 221 21.00 -3.04 9.75
N LEU A 222 22.20 -2.75 9.26
CA LEU A 222 23.21 -3.77 8.95
C LEU A 222 23.90 -4.34 10.18
N SER A 223 23.94 -3.58 11.29
CA SER A 223 24.59 -4.04 12.51
C SER A 223 23.65 -4.66 13.54
N ARG A 224 22.40 -4.13 13.62
CA ARG A 224 21.37 -4.42 14.66
C ARG A 224 21.93 -4.00 16.04
N LYS A 225 22.94 -3.13 16.01
CA LYS A 225 23.62 -2.56 17.17
C LYS A 225 23.07 -1.15 17.41
N GLN A 226 23.17 -0.68 18.65
CA GLN A 226 22.70 0.64 19.02
C GLN A 226 23.85 1.62 18.70
N PRO A 227 23.65 2.62 17.80
CA PRO A 227 24.75 3.50 17.37
C PRO A 227 25.84 3.94 18.37
N PHE A 228 25.52 4.43 19.57
CA PHE A 228 26.63 4.73 20.50
C PHE A 228 26.36 4.00 21.83
N GLU A 229 26.42 2.65 21.78
CA GLU A 229 26.14 1.74 22.92
C GLU A 229 26.95 2.10 24.18
N ASP A 230 28.30 2.21 24.02
CA ASP A 230 29.23 2.57 25.10
C ASP A 230 28.94 3.94 25.70
N VAL A 231 28.55 4.92 24.85
CA VAL A 231 28.27 6.29 25.32
C VAL A 231 26.97 6.40 26.12
N THR A 232 27.11 6.85 27.38
CA THR A 232 26.03 7.02 28.34
C THR A 232 25.27 8.35 28.17
N ASN A 233 25.97 9.48 28.36
CA ASN A 233 25.44 10.83 28.28
C ASN A 233 25.22 11.26 26.82
N PRO A 234 23.98 11.64 26.42
CA PRO A 234 23.77 12.10 25.02
C PRO A 234 24.55 13.35 24.62
N LEU A 235 25.01 14.16 25.59
CA LEU A 235 25.82 15.36 25.32
C LEU A 235 27.24 14.95 24.90
N GLN A 236 27.74 13.84 25.47
CA GLN A 236 29.06 13.31 25.11
C GLN A 236 29.02 12.76 23.67
N ILE A 237 27.81 12.21 23.22
CA ILE A 237 27.57 11.76 21.84
C ILE A 237 27.74 12.97 20.95
N MET A 238 27.03 14.05 21.27
CA MET A 238 27.08 15.33 20.55
C MET A 238 28.50 15.88 20.46
N TYR A 239 29.31 15.74 21.54
CA TYR A 239 30.72 16.18 21.59
C TYR A 239 31.57 15.35 20.61
N SER A 240 31.59 14.01 20.76
CA SER A 240 32.35 13.13 19.88
C SER A 240 31.97 13.31 18.40
N VAL A 241 30.66 13.37 18.10
CA VAL A 241 30.17 13.59 16.74
C VAL A 241 30.70 14.91 16.17
N SER A 242 30.59 16.02 16.95
CA SER A 242 31.11 17.34 16.56
C SER A 242 32.63 17.26 16.30
N GLN A 243 33.34 16.32 17.03
CA GLN A 243 34.77 16.07 16.85
C GLN A 243 35.04 15.07 15.70
N GLY A 244 34.02 14.72 14.92
CA GLY A 244 34.14 13.84 13.77
C GLY A 244 33.94 12.35 14.01
N HIS A 245 33.62 11.96 15.25
CA HIS A 245 33.42 10.55 15.58
C HIS A 245 32.06 10.05 15.18
N ARG A 246 32.03 8.80 14.71
CA ARG A 246 30.83 8.14 14.21
C ARG A 246 30.73 6.70 14.77
N PRO A 247 29.55 6.00 14.67
CA PRO A 247 29.49 4.60 15.12
C PRO A 247 30.57 3.76 14.40
N VAL A 248 31.24 2.87 15.15
CA VAL A 248 32.37 2.06 14.67
C VAL A 248 32.11 1.17 13.47
N ILE A 249 33.06 1.15 12.54
CA ILE A 249 33.02 0.28 11.37
C ILE A 249 34.20 -0.72 11.43
N ASN A 250 33.88 -1.94 11.84
CA ASN A 250 34.80 -3.06 11.97
C ASN A 250 34.03 -4.39 11.75
N GLU A 251 34.74 -5.54 11.83
CA GLU A 251 34.16 -6.88 11.67
C GLU A 251 33.13 -7.20 12.75
N GLU A 252 33.34 -6.70 13.99
CA GLU A 252 32.41 -6.93 15.09
C GLU A 252 31.09 -6.20 14.89
N SER A 253 31.12 -4.91 14.48
CA SER A 253 29.92 -4.10 14.25
C SER A 253 29.25 -4.50 12.95
N LEU A 254 30.04 -4.59 11.86
CA LEU A 254 29.57 -4.99 10.53
C LEU A 254 30.30 -6.26 10.03
N PRO A 255 29.73 -7.47 10.24
CA PRO A 255 30.40 -8.70 9.80
C PRO A 255 30.72 -8.81 8.32
N TYR A 256 31.63 -9.74 7.96
CA TYR A 256 32.02 -9.98 6.57
C TYR A 256 30.95 -10.70 5.78
N ASP A 257 29.97 -11.33 6.46
CA ASP A 257 28.85 -12.03 5.83
C ASP A 257 27.84 -11.08 5.19
N ILE A 258 27.94 -9.77 5.51
CA ILE A 258 27.05 -8.73 4.98
C ILE A 258 27.17 -8.69 3.47
N PRO A 259 26.07 -8.95 2.74
CA PRO A 259 26.10 -8.81 1.27
C PRO A 259 26.39 -7.36 0.86
N HIS A 260 27.27 -7.16 -0.13
CA HIS A 260 27.68 -5.85 -0.65
C HIS A 260 28.23 -4.89 0.39
N ARG A 261 28.95 -5.45 1.37
CA ARG A 261 29.55 -4.79 2.52
C ARG A 261 30.33 -3.55 2.19
N ALA A 262 31.21 -3.63 1.19
CA ALA A 262 32.05 -2.52 0.76
C ALA A 262 31.21 -1.36 0.22
N ARG A 263 30.23 -1.63 -0.66
CA ARG A 263 29.36 -0.60 -1.24
C ARG A 263 28.52 0.08 -0.16
N MET A 264 28.06 -0.73 0.80
CA MET A 264 27.27 -0.25 1.92
C MET A 264 28.10 0.61 2.86
N ILE A 265 29.33 0.17 3.21
CA ILE A 265 30.26 0.96 4.06
C ILE A 265 30.55 2.33 3.44
N SER A 266 30.86 2.37 2.14
CA SER A 266 31.11 3.61 1.37
C SER A 266 29.91 4.57 1.47
N LEU A 267 28.68 4.02 1.32
CA LEU A 267 27.44 4.78 1.35
C LEU A 267 27.21 5.42 2.73
N ILE A 268 27.40 4.64 3.82
CA ILE A 268 27.26 5.06 5.22
C ILE A 268 28.29 6.17 5.50
N GLU A 269 29.59 5.86 5.27
CA GLU A 269 30.73 6.74 5.46
C GLU A 269 30.61 8.07 4.73
N SER A 270 30.15 8.04 3.49
CA SER A 270 29.95 9.27 2.72
C SER A 270 28.69 9.99 3.20
N GLY A 271 27.68 9.23 3.57
CA GLY A 271 26.40 9.75 4.05
C GLY A 271 26.50 10.51 5.34
N TRP A 272 27.35 10.06 6.26
CA TRP A 272 27.52 10.71 7.55
C TRP A 272 28.79 11.58 7.64
N ALA A 273 29.24 12.11 6.49
CA ALA A 273 30.40 12.97 6.37
C ALA A 273 30.22 14.25 7.17
N GLN A 274 31.27 14.72 7.88
CA GLN A 274 31.25 15.99 8.64
C GLN A 274 30.82 17.18 7.75
N ASN A 275 31.35 17.22 6.51
CA ASN A 275 31.06 18.23 5.50
C ASN A 275 29.79 17.86 4.74
N PRO A 276 28.69 18.65 4.92
CA PRO A 276 27.42 18.35 4.22
C PRO A 276 27.53 18.24 2.71
N ASP A 277 28.48 19.00 2.12
CA ASP A 277 28.71 19.03 0.67
C ASP A 277 29.34 17.73 0.21
N GLU A 278 30.04 17.01 1.11
CA GLU A 278 30.65 15.72 0.79
C GLU A 278 29.73 14.49 0.98
N ARG A 279 28.43 14.75 1.12
CA ARG A 279 27.41 13.73 1.33
C ARG A 279 26.60 13.47 0.03
N PRO A 280 26.20 12.21 -0.25
CA PRO A 280 25.46 11.94 -1.48
C PRO A 280 23.99 12.34 -1.45
N SER A 281 23.39 12.29 -2.64
CA SER A 281 21.99 12.51 -2.92
C SER A 281 21.24 11.20 -2.66
N PHE A 282 19.91 11.25 -2.43
CA PHE A 282 19.17 10.00 -2.25
C PHE A 282 19.19 9.20 -3.57
N LEU A 283 19.25 9.94 -4.71
CA LEU A 283 19.38 9.37 -6.03
C LEU A 283 20.65 8.53 -6.09
N LYS A 284 21.78 9.05 -5.54
CA LYS A 284 23.01 8.27 -5.49
C LYS A 284 22.79 6.97 -4.66
N CYS A 285 21.96 7.01 -3.56
CA CYS A 285 21.65 5.79 -2.78
C CYS A 285 20.86 4.80 -3.62
N LEU A 286 19.79 5.28 -4.29
CA LEU A 286 18.90 4.47 -5.11
C LEU A 286 19.66 3.75 -6.24
N ILE A 287 20.50 4.51 -6.98
CA ILE A 287 21.40 4.04 -8.02
C ILE A 287 22.38 3.00 -7.43
N GLU A 288 22.75 3.10 -6.14
CA GLU A 288 23.63 2.11 -5.53
C GLU A 288 22.89 0.87 -4.99
N LEU A 289 21.62 1.02 -4.56
CA LEU A 289 20.84 -0.08 -3.98
C LEU A 289 20.16 -0.95 -5.00
N GLU A 290 19.55 -0.32 -6.05
CA GLU A 290 18.86 -1.00 -7.15
C GLU A 290 19.62 -2.25 -7.69
N PRO A 291 20.96 -2.21 -7.97
CA PRO A 291 21.67 -3.44 -8.36
C PRO A 291 21.65 -4.51 -7.28
N VAL A 292 21.87 -4.13 -5.98
CA VAL A 292 21.85 -4.99 -4.77
C VAL A 292 20.50 -5.71 -4.66
N LEU A 293 19.41 -4.99 -4.80
CA LEU A 293 18.11 -5.62 -4.72
C LEU A 293 17.73 -6.58 -5.86
N ARG A 294 18.33 -6.41 -7.05
CA ARG A 294 18.10 -7.32 -8.17
C ARG A 294 18.79 -8.67 -7.92
N THR A 295 19.77 -8.67 -6.99
CA THR A 295 20.50 -9.84 -6.52
C THR A 295 19.60 -10.90 -5.81
N PHE A 296 18.35 -10.52 -5.39
CA PHE A 296 17.40 -11.42 -4.71
C PHE A 296 16.15 -11.64 -5.53
N GLU A 297 15.52 -12.83 -5.35
CA GLU A 297 14.25 -13.19 -6.02
C GLU A 297 13.09 -12.68 -5.18
N GLU A 298 11.96 -12.32 -5.81
CA GLU A 298 10.76 -11.80 -5.11
C GLU A 298 10.27 -12.70 -3.98
N ILE A 299 10.46 -14.04 -4.13
CA ILE A 299 10.05 -15.05 -3.14
C ILE A 299 10.85 -14.93 -1.82
N THR A 300 12.09 -14.46 -1.88
CA THR A 300 12.93 -14.36 -0.70
C THR A 300 12.51 -13.25 0.23
N PHE A 301 11.85 -12.21 -0.32
CA PHE A 301 11.34 -11.09 0.49
C PHE A 301 10.18 -11.59 1.31
N LEU A 302 9.27 -12.39 0.68
CA LEU A 302 8.11 -12.90 1.42
C LEU A 302 8.53 -13.96 2.40
N GLU A 303 9.51 -14.78 2.02
CA GLU A 303 10.09 -15.82 2.87
C GLU A 303 10.69 -15.15 4.12
N ALA A 304 11.42 -14.04 3.90
CA ALA A 304 12.01 -13.27 4.99
C ALA A 304 10.94 -12.82 5.97
N VAL A 305 9.81 -12.28 5.46
CA VAL A 305 8.66 -11.79 6.24
C VAL A 305 7.95 -12.95 6.97
N ILE A 306 7.67 -14.10 6.29
CA ILE A 306 7.06 -15.27 6.93
C ILE A 306 7.92 -15.76 8.11
N GLN A 307 9.25 -15.77 7.94
CA GLN A 307 10.21 -16.13 8.96
C GLN A 307 10.07 -15.25 10.19
N LEU A 308 9.47 -14.05 10.08
CA LEU A 308 9.22 -13.22 11.25
C LEU A 308 7.96 -13.69 12.03
N LYS A 309 7.65 -15.03 11.94
CA LYS A 309 6.52 -15.72 12.62
C LYS A 309 6.84 -17.19 12.97
N LEU B 9 -2.89 18.43 -9.31
CA LEU B 9 -2.60 18.73 -7.90
C LEU B 9 -2.12 17.47 -7.14
N PRO B 10 -0.85 17.00 -7.26
CA PRO B 10 0.32 17.50 -8.02
C PRO B 10 0.28 17.28 -9.53
N THR B 11 1.07 18.11 -10.25
CA THR B 11 1.20 18.08 -11.71
C THR B 11 2.49 17.37 -12.10
N ILE B 12 2.33 16.32 -12.90
CA ILE B 12 3.47 15.53 -13.31
C ILE B 12 3.84 15.82 -14.78
N PRO B 13 5.07 16.31 -15.05
CA PRO B 13 5.48 16.54 -16.44
C PRO B 13 5.60 15.20 -17.18
N TYR B 14 4.92 15.11 -18.32
CA TYR B 14 4.90 13.91 -19.15
C TYR B 14 6.30 13.43 -19.55
N HIS B 15 7.30 14.35 -19.60
CA HIS B 15 8.68 14.03 -19.94
C HIS B 15 9.41 13.30 -18.79
N LYS B 16 8.82 13.34 -17.57
CA LYS B 16 9.35 12.67 -16.37
C LYS B 16 9.03 11.17 -16.42
N LEU B 17 8.06 10.79 -17.29
CA LEU B 17 7.58 9.43 -17.52
C LEU B 17 8.40 8.79 -18.63
N ALA B 18 9.37 7.95 -18.27
CA ALA B 18 10.26 7.24 -19.18
C ALA B 18 9.64 5.88 -19.55
N ASP B 19 10.17 5.21 -20.60
CA ASP B 19 9.79 3.86 -21.07
C ASP B 19 8.28 3.57 -21.07
N LEU B 20 7.47 4.51 -21.58
CA LEU B 20 6.00 4.38 -21.64
C LEU B 20 5.50 3.17 -22.47
N ARG B 21 5.42 1.99 -21.83
CA ARG B 21 4.97 0.72 -22.43
C ARG B 21 3.53 0.48 -22.09
N TYR B 22 2.80 -0.17 -23.00
CA TYR B 22 1.36 -0.46 -22.92
C TYR B 22 0.95 -1.48 -21.87
N LEU B 23 -0.13 -1.17 -21.14
CA LEU B 23 -0.74 -2.02 -20.12
C LEU B 23 -2.11 -2.51 -20.59
N SER B 24 -3.06 -1.58 -20.75
CA SER B 24 -4.44 -1.86 -21.16
C SER B 24 -5.08 -0.66 -21.90
N ARG B 25 -6.20 -0.90 -22.63
CA ARG B 25 -6.90 0.13 -23.41
C ARG B 25 -8.41 -0.03 -23.34
N ALA B 27 -11.17 3.52 -25.73
CA ALA B 27 -12.30 3.49 -24.80
C ALA B 27 -12.23 4.69 -23.82
N SER B 28 -12.12 4.44 -22.47
CA SER B 28 -11.99 5.50 -21.45
C SER B 28 -10.64 6.25 -21.66
N GLY B 29 -9.63 5.49 -22.05
CA GLY B 29 -8.28 5.94 -22.36
C GLY B 29 -7.29 4.79 -22.34
N THR B 30 -6.03 5.06 -22.75
CA THR B 30 -5.00 4.02 -22.77
C THR B 30 -4.09 4.09 -21.55
N VAL B 31 -4.09 2.98 -20.78
CA VAL B 31 -3.28 2.80 -19.58
C VAL B 31 -1.92 2.22 -20.02
N SER B 32 -0.83 2.91 -19.65
CA SER B 32 0.52 2.53 -19.98
C SER B 32 1.45 2.59 -18.76
N SER B 33 2.36 1.62 -18.64
CA SER B 33 3.32 1.61 -17.55
C SER B 33 4.45 2.59 -17.93
N ALA B 34 5.01 3.33 -16.96
CA ALA B 34 6.10 4.29 -17.17
C ALA B 34 7.00 4.29 -15.93
N ARG B 35 8.27 4.64 -16.08
CA ARG B 35 9.19 4.74 -14.94
C ARG B 35 9.37 6.24 -14.64
N HIS B 36 9.04 6.67 -13.40
CA HIS B 36 9.23 8.07 -13.02
C HIS B 36 10.72 8.42 -12.96
N ALA B 37 11.15 9.48 -13.69
CA ALA B 37 12.57 9.84 -13.77
C ALA B 37 13.14 10.27 -12.43
N ASP B 38 12.37 11.07 -11.67
CA ASP B 38 12.78 11.58 -10.36
C ASP B 38 12.51 10.61 -9.22
N TRP B 39 11.29 10.05 -9.15
CA TRP B 39 10.86 9.11 -8.10
C TRP B 39 11.49 7.74 -8.17
N ARG B 40 11.93 7.34 -9.36
CA ARG B 40 12.58 6.07 -9.62
C ARG B 40 11.72 4.85 -9.26
N VAL B 41 10.43 4.94 -9.66
CA VAL B 41 9.40 3.93 -9.43
C VAL B 41 8.60 3.79 -10.69
N GLN B 42 7.97 2.62 -10.87
CA GLN B 42 7.05 2.37 -11.97
C GLN B 42 5.73 3.05 -11.59
N VAL B 43 5.09 3.69 -12.56
CA VAL B 43 3.80 4.36 -12.39
C VAL B 43 2.89 3.88 -13.52
N ALA B 44 1.64 4.23 -13.46
CA ALA B 44 0.71 3.88 -14.52
C ALA B 44 0.06 5.17 -14.88
N VAL B 45 -0.04 5.42 -16.19
CA VAL B 45 -0.62 6.65 -16.72
C VAL B 45 -1.69 6.34 -17.77
N LYS B 46 -2.88 6.94 -17.58
CA LYS B 46 -4.04 6.80 -18.46
C LYS B 46 -4.28 8.12 -19.18
N HIS B 47 -4.30 8.05 -20.54
CA HIS B 47 -4.52 9.16 -21.47
C HIS B 47 -6.00 9.47 -21.54
N LEU B 48 -6.38 10.73 -21.32
CA LEU B 48 -7.77 11.17 -21.34
C LEU B 48 -8.08 12.13 -22.51
N HIS B 49 -9.29 11.97 -23.10
CA HIS B 49 -9.82 12.75 -24.22
C HIS B 49 -10.72 13.88 -23.74
N ASP B 61 -12.91 20.72 -14.96
CA ASP B 61 -13.20 19.80 -16.06
C ASP B 61 -13.01 18.32 -15.57
N VAL B 62 -12.04 17.59 -16.13
CA VAL B 62 -11.65 16.24 -15.70
C VAL B 62 -10.82 16.46 -14.42
N LEU B 63 -10.13 17.62 -14.35
CA LEU B 63 -9.33 18.12 -13.24
C LEU B 63 -10.17 18.25 -11.93
N ARG B 64 -11.46 18.63 -12.07
CA ARG B 64 -12.43 18.74 -10.97
C ARG B 64 -12.79 17.33 -10.47
N GLU B 65 -13.07 16.41 -11.44
CA GLU B 65 -13.40 15.00 -11.22
C GLU B 65 -12.22 14.29 -10.54
N ALA B 66 -10.99 14.50 -11.08
CA ALA B 66 -9.75 13.94 -10.57
C ALA B 66 -9.50 14.34 -9.12
N GLU B 67 -9.86 15.62 -8.77
CA GLU B 67 -9.73 16.23 -7.43
C GLU B 67 -10.63 15.53 -6.41
N ILE B 68 -11.87 15.16 -6.81
CA ILE B 68 -12.81 14.42 -5.95
C ILE B 68 -12.17 13.07 -5.53
N LEU B 69 -11.56 12.37 -6.52
CA LEU B 69 -10.88 11.08 -6.37
C LEU B 69 -9.61 11.18 -5.51
N HIS B 70 -8.93 12.35 -5.51
CA HIS B 70 -7.72 12.56 -4.70
C HIS B 70 -8.06 12.63 -3.21
N LYS B 71 -9.31 13.04 -2.86
CA LYS B 71 -9.78 13.12 -1.47
C LYS B 71 -9.94 11.71 -0.90
N ALA B 72 -10.36 10.73 -1.77
CA ALA B 72 -10.53 9.31 -1.43
C ALA B 72 -9.19 8.60 -1.13
N ARG B 73 -8.83 8.56 0.17
CA ARG B 73 -7.63 7.90 0.66
C ARG B 73 -8.06 6.78 1.60
N PHE B 74 -8.00 5.53 1.09
CA PHE B 74 -8.33 4.28 1.77
C PHE B 74 -7.45 3.15 1.20
N SER B 75 -7.01 2.22 2.06
CA SER B 75 -6.11 1.11 1.75
C SER B 75 -6.50 0.17 0.61
N TYR B 76 -7.80 0.17 0.18
CA TYR B 76 -8.29 -0.71 -0.89
C TYR B 76 -8.75 0.01 -2.18
N ILE B 77 -8.44 1.33 -2.28
CA ILE B 77 -8.72 2.17 -3.45
C ILE B 77 -7.37 2.55 -4.06
N LEU B 78 -7.26 2.48 -5.40
CA LEU B 78 -6.02 2.80 -6.11
C LEU B 78 -5.60 4.26 -5.92
N PRO B 79 -4.39 4.49 -5.38
CA PRO B 79 -3.94 5.87 -5.13
C PRO B 79 -3.58 6.64 -6.40
N ILE B 80 -4.15 7.85 -6.55
CA ILE B 80 -3.88 8.78 -7.64
C ILE B 80 -2.60 9.58 -7.22
N LEU B 81 -1.46 9.30 -7.88
CA LEU B 81 -0.20 9.95 -7.57
C LEU B 81 -0.10 11.40 -8.07
N GLY B 82 -0.80 11.72 -9.16
CA GLY B 82 -0.80 13.04 -9.74
C GLY B 82 -1.53 13.13 -11.07
N ILE B 83 -1.39 14.29 -11.74
CA ILE B 83 -2.04 14.57 -13.02
C ILE B 83 -1.07 15.19 -14.03
N CYS B 84 -1.18 14.79 -15.31
CA CYS B 84 -0.40 15.36 -16.40
C CYS B 84 -1.28 16.42 -17.03
N ASN B 85 -0.81 17.67 -17.01
CA ASN B 85 -1.61 18.81 -17.49
C ASN B 85 -0.94 19.59 -18.62
N GLU B 86 -0.36 18.86 -19.59
CA GLU B 86 0.30 19.40 -20.77
C GLU B 86 -0.85 19.79 -21.77
N PRO B 87 -0.63 20.66 -22.80
CA PRO B 87 -1.75 20.99 -23.69
C PRO B 87 -2.07 19.87 -24.67
N GLU B 88 -1.03 19.29 -25.30
CA GLU B 88 -1.18 18.16 -26.23
C GLU B 88 -1.60 16.87 -25.50
N PHE B 89 -1.11 16.68 -24.26
CA PHE B 89 -1.40 15.48 -23.45
C PHE B 89 -2.03 15.77 -22.07
N LEU B 90 -3.12 15.03 -21.75
CA LEU B 90 -3.78 15.06 -20.45
C LEU B 90 -3.99 13.62 -19.96
N GLY B 91 -3.64 13.39 -18.69
CA GLY B 91 -3.73 12.06 -18.11
C GLY B 91 -3.65 11.95 -16.60
N ILE B 92 -4.15 10.82 -16.07
CA ILE B 92 -4.12 10.50 -14.64
C ILE B 92 -2.96 9.54 -14.36
N VAL B 93 -2.19 9.87 -13.31
CA VAL B 93 -1.09 9.03 -12.87
C VAL B 93 -1.46 8.32 -11.55
N THR B 94 -1.39 6.99 -11.56
CA THR B 94 -1.61 6.19 -10.36
C THR B 94 -0.39 5.33 -10.13
N GLU B 95 -0.42 4.55 -9.04
CA GLU B 95 0.63 3.59 -8.69
C GLU B 95 0.53 2.43 -9.70
N TYR B 96 1.66 1.78 -9.97
CA TYR B 96 1.65 0.65 -10.86
C TYR B 96 1.39 -0.58 -9.99
N MET B 97 0.36 -1.35 -10.32
CA MET B 97 0.00 -2.57 -9.59
C MET B 97 0.68 -3.74 -10.29
N PRO B 98 1.74 -4.31 -9.69
CA PRO B 98 2.53 -5.33 -10.40
C PRO B 98 1.87 -6.66 -10.66
N ASN B 99 0.77 -6.97 -9.94
CA ASN B 99 0.07 -8.24 -10.17
C ASN B 99 -1.24 -8.14 -10.96
N GLY B 100 -1.35 -7.09 -11.76
CA GLY B 100 -2.46 -6.81 -12.66
C GLY B 100 -3.84 -6.80 -12.06
N SER B 101 -4.83 -7.20 -12.89
CA SER B 101 -6.24 -7.24 -12.51
C SER B 101 -6.66 -8.56 -11.86
N LEU B 102 -7.84 -8.55 -11.20
CA LEU B 102 -8.42 -9.76 -10.59
C LEU B 102 -8.82 -10.74 -11.72
N ASN B 103 -9.24 -10.18 -12.88
CA ASN B 103 -9.59 -10.92 -14.08
C ASN B 103 -8.42 -11.82 -14.50
N GLU B 104 -7.22 -11.26 -14.57
CA GLU B 104 -6.00 -11.98 -14.91
C GLU B 104 -5.73 -13.14 -13.90
N LEU B 105 -5.79 -12.88 -12.56
CA LEU B 105 -5.60 -13.94 -11.55
C LEU B 105 -6.59 -15.13 -11.69
N LEU B 106 -7.89 -14.83 -11.82
CA LEU B 106 -8.92 -15.86 -11.90
C LEU B 106 -8.89 -16.67 -13.19
N HIS B 107 -8.52 -16.04 -14.32
CA HIS B 107 -8.60 -16.66 -15.62
C HIS B 107 -7.34 -17.13 -16.31
N ARG B 108 -6.17 -16.52 -16.00
CA ARG B 108 -4.87 -16.90 -16.59
C ARG B 108 -4.41 -18.14 -15.83
N LYS B 109 -5.11 -19.26 -16.09
CA LYS B 109 -4.95 -20.58 -15.47
C LYS B 109 -3.62 -21.25 -15.82
N THR B 110 -2.95 -20.74 -16.89
CA THR B 110 -1.62 -21.18 -17.29
C THR B 110 -0.54 -20.59 -16.36
N GLU B 111 -0.74 -19.33 -15.88
CA GLU B 111 0.14 -18.59 -14.95
C GLU B 111 -0.24 -18.91 -13.48
N TYR B 112 -1.54 -19.06 -13.24
CA TYR B 112 -2.06 -19.32 -11.90
C TYR B 112 -2.87 -20.63 -11.88
N PRO B 113 -2.20 -21.82 -11.99
CA PRO B 113 -2.96 -23.09 -11.91
C PRO B 113 -3.73 -23.28 -10.61
N ASP B 114 -3.24 -22.67 -9.48
CA ASP B 114 -3.88 -22.74 -8.15
C ASP B 114 -3.94 -21.37 -7.45
N VAL B 115 -5.13 -21.00 -6.95
CA VAL B 115 -5.37 -19.76 -6.20
C VAL B 115 -6.06 -20.16 -4.88
N ALA B 116 -5.31 -20.21 -3.78
CA ALA B 116 -5.81 -20.61 -2.46
C ALA B 116 -7.03 -19.86 -1.91
N TRP B 117 -7.92 -20.59 -1.22
CA TRP B 117 -9.16 -20.09 -0.63
C TRP B 117 -8.92 -18.94 0.34
N PRO B 118 -7.90 -18.94 1.26
CA PRO B 118 -7.73 -17.78 2.15
C PRO B 118 -7.56 -16.46 1.38
N LEU B 119 -6.77 -16.49 0.27
CA LEU B 119 -6.51 -15.34 -0.58
C LEU B 119 -7.77 -14.92 -1.34
N ARG B 120 -8.57 -15.90 -1.83
CA ARG B 120 -9.82 -15.64 -2.53
C ARG B 120 -10.79 -14.93 -1.60
N PHE B 121 -10.87 -15.36 -0.34
CA PHE B 121 -11.76 -14.74 0.64
C PHE B 121 -11.28 -13.37 1.09
N ARG B 122 -9.95 -13.19 1.12
CA ARG B 122 -9.27 -11.95 1.51
C ARG B 122 -9.61 -10.87 0.48
N ILE B 123 -9.60 -11.24 -0.84
CA ILE B 123 -9.93 -10.37 -1.97
C ILE B 123 -11.38 -9.93 -1.83
N LEU B 124 -12.29 -10.88 -1.58
CA LEU B 124 -13.73 -10.56 -1.39
C LEU B 124 -13.94 -9.61 -0.25
N HIS B 125 -13.31 -9.88 0.88
CA HIS B 125 -13.32 -9.00 2.04
C HIS B 125 -12.91 -7.56 1.72
N GLU B 126 -11.70 -7.40 1.12
CA GLU B 126 -11.08 -6.14 0.72
C GLU B 126 -11.89 -5.35 -0.34
N ILE B 127 -12.59 -6.05 -1.28
CA ILE B 127 -13.44 -5.39 -2.29
C ILE B 127 -14.63 -4.75 -1.54
N ALA B 128 -15.33 -5.56 -0.72
CA ALA B 128 -16.45 -5.09 0.09
C ALA B 128 -16.01 -3.90 0.98
N LEU B 129 -14.78 -3.96 1.58
CA LEU B 129 -14.25 -2.86 2.39
C LEU B 129 -14.09 -1.58 1.57
N GLY B 130 -13.48 -1.70 0.40
CA GLY B 130 -13.22 -0.61 -0.53
C GLY B 130 -14.47 0.08 -1.05
N VAL B 131 -15.46 -0.74 -1.49
CA VAL B 131 -16.74 -0.26 -2.02
C VAL B 131 -17.55 0.45 -0.93
N ASN B 132 -17.59 -0.17 0.28
CA ASN B 132 -18.26 0.40 1.45
C ASN B 132 -17.63 1.74 1.85
N TYR B 133 -16.30 1.90 1.66
CA TYR B 133 -15.64 3.17 1.95
C TYR B 133 -16.20 4.26 1.00
N LEU B 134 -16.25 3.97 -0.31
CA LEU B 134 -16.72 4.90 -1.31
C LEU B 134 -18.15 5.30 -1.06
N HIS B 135 -18.97 4.36 -0.57
CA HIS B 135 -20.38 4.56 -0.26
C HIS B 135 -20.63 5.50 0.94
N ASN B 136 -19.65 5.59 1.85
CA ASN B 136 -19.73 6.43 3.04
C ASN B 136 -19.11 7.81 2.87
N MET B 137 -18.53 8.10 1.70
CA MET B 137 -17.90 9.38 1.35
C MET B 137 -18.88 10.57 1.36
N THR B 138 -18.36 11.80 1.38
CA THR B 138 -19.16 13.04 1.33
C THR B 138 -18.66 13.94 0.17
N PRO B 139 -19.26 13.87 -1.04
CA PRO B 139 -20.42 13.04 -1.44
C PRO B 139 -20.00 11.60 -1.85
N PRO B 140 -20.89 10.58 -1.71
CA PRO B 140 -20.47 9.20 -2.07
C PRO B 140 -20.18 9.00 -3.55
N HIS B 143 -18.52 3.11 -6.15
CA HIS B 143 -17.90 3.14 -7.47
C HIS B 143 -18.85 3.66 -8.54
N HIS B 144 -18.46 3.51 -9.82
CA HIS B 144 -19.26 3.91 -10.98
C HIS B 144 -19.81 2.62 -11.62
N ASP B 145 -18.90 1.73 -12.09
CA ASP B 145 -19.18 0.43 -12.70
C ASP B 145 -18.05 -0.55 -12.32
N LEU B 146 -18.29 -1.37 -11.28
CA LEU B 146 -17.36 -2.31 -10.69
C LEU B 146 -17.24 -3.60 -11.49
N LYS B 147 -16.01 -3.99 -11.87
CA LYS B 147 -15.71 -5.19 -12.65
C LYS B 147 -14.37 -5.79 -12.24
N THR B 148 -14.10 -7.07 -12.56
CA THR B 148 -12.85 -7.77 -12.25
C THR B 148 -11.63 -7.13 -12.93
N GLN B 149 -11.86 -6.38 -14.01
CA GLN B 149 -10.80 -5.71 -14.77
C GLN B 149 -10.35 -4.43 -14.06
N ASN B 150 -11.23 -3.83 -13.19
CA ASN B 150 -11.04 -2.63 -12.36
C ASN B 150 -10.39 -2.96 -11.03
N ILE B 151 -10.46 -4.22 -10.60
CA ILE B 151 -9.95 -4.65 -9.30
C ILE B 151 -8.50 -5.07 -9.50
N LEU B 152 -7.58 -4.19 -9.12
CA LEU B 152 -6.14 -4.40 -9.28
C LEU B 152 -5.51 -5.04 -8.06
N LEU B 153 -4.43 -5.79 -8.28
CA LEU B 153 -3.75 -6.53 -7.23
C LEU B 153 -2.35 -6.05 -7.00
N ASP B 154 -2.12 -5.43 -5.83
CA ASP B 154 -0.80 -4.92 -5.43
C ASP B 154 0.27 -6.01 -5.28
N ASN B 155 1.52 -5.59 -5.00
CA ASN B 155 2.71 -6.43 -4.84
C ASN B 155 2.44 -7.66 -3.97
N GLU B 156 1.60 -7.51 -2.91
CA GLU B 156 1.22 -8.56 -1.96
C GLU B 156 -0.16 -9.16 -2.14
N PHE B 157 -0.75 -8.97 -3.33
CA PHE B 157 -2.10 -9.43 -3.70
C PHE B 157 -3.20 -8.80 -2.86
N HIS B 158 -2.97 -7.55 -2.40
CA HIS B 158 -4.00 -6.77 -1.72
C HIS B 158 -4.73 -6.00 -2.77
N VAL B 159 -6.04 -5.83 -2.57
CA VAL B 159 -6.97 -5.19 -3.49
C VAL B 159 -6.86 -3.68 -3.55
N LYS B 160 -6.78 -3.11 -4.76
CA LYS B 160 -6.80 -1.67 -5.00
C LYS B 160 -7.83 -1.45 -6.10
N ILE B 161 -9.03 -0.91 -5.77
CA ILE B 161 -10.09 -0.68 -6.75
C ILE B 161 -9.77 0.54 -7.57
N ALA B 162 -9.89 0.43 -8.91
CA ALA B 162 -9.59 1.48 -9.87
C ALA B 162 -10.81 1.93 -10.68
N ASP B 163 -11.62 2.83 -10.08
CA ASP B 163 -12.84 3.43 -10.67
C ASP B 163 -12.85 4.95 -10.98
N PHE B 164 -13.91 5.34 -11.74
CA PHE B 164 -14.23 6.67 -12.24
C PHE B 164 -15.40 7.30 -11.48
N THR B 188 -17.83 -4.23 -20.09
CA THR B 188 -18.53 -5.51 -20.05
C THR B 188 -19.82 -5.44 -19.22
N ILE B 189 -20.91 -5.94 -19.82
CA ILE B 189 -22.25 -5.94 -19.24
C ILE B 189 -22.54 -7.00 -18.19
N ILE B 190 -21.65 -8.01 -18.03
CA ILE B 190 -21.86 -9.12 -17.07
C ILE B 190 -22.01 -8.70 -15.61
N TYR B 191 -21.44 -7.53 -15.27
CA TYR B 191 -21.49 -6.96 -13.92
C TYR B 191 -22.61 -5.93 -13.76
N MET B 192 -23.24 -5.54 -14.87
CA MET B 192 -24.31 -4.54 -14.90
C MET B 192 -25.66 -5.12 -14.45
N PRO B 193 -26.32 -4.47 -13.47
CA PRO B 193 -27.65 -4.97 -13.06
C PRO B 193 -28.69 -4.70 -14.16
N PRO B 194 -29.75 -5.54 -14.25
CA PRO B 194 -30.76 -5.34 -15.31
C PRO B 194 -31.34 -3.93 -15.43
N GLU B 195 -31.82 -3.35 -14.30
CA GLU B 195 -32.41 -2.01 -14.22
C GLU B 195 -31.55 -0.87 -14.83
N ASN B 196 -30.27 -1.17 -15.14
CA ASN B 196 -29.35 -0.19 -15.70
C ASN B 196 -29.30 -0.24 -17.21
N TYR B 197 -30.11 -1.11 -17.83
CA TYR B 197 -30.21 -1.23 -19.28
C TYR B 197 -31.59 -1.54 -19.82
N GLU B 198 -32.49 -2.13 -18.96
CA GLU B 198 -33.88 -2.46 -19.28
C GLU B 198 -34.69 -1.22 -19.67
N ILE B 207 -28.31 3.04 -7.08
CA ILE B 207 -27.76 2.97 -5.73
C ILE B 207 -27.29 1.53 -5.33
N LYS B 208 -28.19 0.50 -5.49
CA LYS B 208 -27.91 -0.94 -5.24
C LYS B 208 -27.32 -1.63 -6.51
N HIS B 209 -26.53 -0.86 -7.28
CA HIS B 209 -25.84 -1.28 -8.49
C HIS B 209 -24.63 -2.14 -8.10
N ASP B 210 -23.70 -1.56 -7.28
CA ASP B 210 -22.47 -2.17 -6.79
C ASP B 210 -22.61 -3.55 -6.17
N ILE B 211 -23.68 -3.77 -5.39
CA ILE B 211 -23.93 -5.09 -4.80
C ILE B 211 -24.21 -6.14 -5.86
N TYR B 212 -24.88 -5.75 -6.98
CA TYR B 212 -25.15 -6.68 -8.09
C TYR B 212 -23.83 -7.16 -8.71
N SER B 213 -22.92 -6.19 -8.98
CA SER B 213 -21.59 -6.42 -9.54
C SER B 213 -20.79 -7.34 -8.63
N TYR B 214 -20.76 -6.99 -7.31
CA TYR B 214 -20.08 -7.75 -6.28
C TYR B 214 -20.50 -9.22 -6.23
N ALA B 215 -21.81 -9.50 -6.39
CA ALA B 215 -22.32 -10.87 -6.43
C ALA B 215 -21.71 -11.69 -7.61
N VAL B 216 -21.67 -11.07 -8.82
CA VAL B 216 -21.13 -11.68 -10.04
C VAL B 216 -19.62 -11.95 -9.81
N ILE B 217 -18.90 -10.97 -9.20
CA ILE B 217 -17.46 -11.04 -8.88
C ILE B 217 -17.23 -12.20 -7.87
N THR B 218 -18.14 -12.32 -6.87
CA THR B 218 -18.07 -13.42 -5.91
C THR B 218 -18.27 -14.77 -6.61
N TRP B 219 -19.25 -14.88 -7.53
CA TRP B 219 -19.48 -16.12 -8.28
C TRP B 219 -18.24 -16.46 -9.09
N GLU B 220 -17.63 -15.43 -9.72
CA GLU B 220 -16.46 -15.58 -10.58
C GLU B 220 -15.20 -15.98 -9.80
N VAL B 221 -15.03 -15.42 -8.59
CA VAL B 221 -13.89 -15.72 -7.70
C VAL B 221 -13.94 -17.18 -7.24
N LEU B 222 -15.12 -17.64 -6.79
CA LEU B 222 -15.30 -19.01 -6.31
C LEU B 222 -15.32 -20.08 -7.41
N SER B 223 -15.70 -19.68 -8.64
CA SER B 223 -15.78 -20.63 -9.74
C SER B 223 -14.56 -20.66 -10.63
N ARG B 224 -13.91 -19.48 -10.84
CA ARG B 224 -12.82 -19.25 -11.79
C ARG B 224 -13.35 -19.51 -13.22
N LYS B 225 -14.69 -19.45 -13.36
CA LYS B 225 -15.44 -19.64 -14.60
C LYS B 225 -15.85 -18.27 -15.11
N GLN B 226 -16.07 -18.16 -16.42
CA GLN B 226 -16.48 -16.92 -17.06
C GLN B 226 -18.01 -16.88 -16.93
N PRO B 227 -18.59 -15.83 -16.27
CA PRO B 227 -20.05 -15.80 -16.04
C PRO B 227 -21.01 -16.37 -17.09
N PHE B 228 -20.97 -15.87 -18.32
CA PHE B 228 -21.86 -16.45 -19.34
C PHE B 228 -21.01 -17.00 -20.47
N GLU B 229 -20.26 -18.10 -20.18
CA GLU B 229 -19.32 -18.77 -21.10
C GLU B 229 -19.93 -19.10 -22.46
N ASP B 230 -21.07 -19.83 -22.44
CA ASP B 230 -21.81 -20.25 -23.63
C ASP B 230 -22.32 -19.05 -24.46
N VAL B 231 -22.73 -17.96 -23.77
CA VAL B 231 -23.25 -16.80 -24.46
C VAL B 231 -22.18 -15.98 -25.20
N THR B 232 -22.34 -15.86 -26.53
CA THR B 232 -21.43 -15.13 -27.40
C THR B 232 -21.78 -13.64 -27.50
N ASN B 233 -23.02 -13.33 -27.98
CA ASN B 233 -23.51 -11.95 -28.16
C ASN B 233 -23.87 -11.32 -26.80
N PRO B 234 -23.27 -10.15 -26.45
CA PRO B 234 -23.62 -9.50 -25.17
C PRO B 234 -25.09 -9.07 -25.03
N LEU B 235 -25.83 -8.94 -26.15
CA LEU B 235 -27.25 -8.58 -26.13
C LEU B 235 -28.07 -9.76 -25.60
N GLN B 236 -27.64 -11.01 -25.91
CA GLN B 236 -28.31 -12.22 -25.42
C GLN B 236 -28.12 -12.30 -23.90
N ILE B 237 -26.97 -11.80 -23.38
CA ILE B 237 -26.69 -11.79 -21.94
C ILE B 237 -27.70 -10.83 -21.29
N MET B 238 -27.78 -9.60 -21.81
CA MET B 238 -28.68 -8.56 -21.35
C MET B 238 -30.12 -9.03 -21.35
N TYR B 239 -30.51 -9.74 -22.42
CA TYR B 239 -31.83 -10.31 -22.52
C TYR B 239 -32.08 -11.31 -21.37
N SER B 240 -31.35 -12.44 -21.33
CA SER B 240 -31.51 -13.47 -20.29
C SER B 240 -31.54 -12.88 -18.89
N VAL B 241 -30.60 -11.97 -18.59
CA VAL B 241 -30.53 -11.29 -17.29
C VAL B 241 -31.81 -10.53 -17.00
N SER B 242 -32.31 -9.74 -17.96
CA SER B 242 -33.59 -9.00 -17.84
C SER B 242 -34.75 -9.99 -17.58
N GLN B 243 -34.64 -11.23 -18.10
CA GLN B 243 -35.60 -12.31 -17.88
C GLN B 243 -35.35 -13.07 -16.58
N GLY B 244 -34.42 -12.58 -15.74
CA GLY B 244 -34.11 -13.16 -14.43
C GLY B 244 -33.01 -14.20 -14.40
N HIS B 245 -32.39 -14.49 -15.53
CA HIS B 245 -31.32 -15.49 -15.59
C HIS B 245 -30.00 -14.98 -15.07
N ARG B 246 -29.26 -15.86 -14.40
CA ARG B 246 -27.98 -15.54 -13.76
C ARG B 246 -26.94 -16.63 -14.07
N PRO B 247 -25.61 -16.40 -13.82
CA PRO B 247 -24.64 -17.51 -14.02
C PRO B 247 -25.02 -18.72 -13.17
N VAL B 248 -24.91 -19.93 -13.76
CA VAL B 248 -25.32 -21.19 -13.15
C VAL B 248 -24.71 -21.55 -11.79
N ILE B 249 -25.56 -22.04 -10.88
CA ILE B 249 -25.12 -22.52 -9.57
C ILE B 249 -25.39 -24.04 -9.47
N ASN B 250 -24.33 -24.83 -9.66
CA ASN B 250 -24.32 -26.29 -9.60
C ASN B 250 -22.92 -26.79 -9.17
N GLU B 251 -22.74 -28.12 -9.07
CA GLU B 251 -21.48 -28.76 -8.68
C GLU B 251 -20.37 -28.48 -9.69
N GLU B 252 -20.69 -28.37 -10.99
CA GLU B 252 -19.71 -28.11 -12.04
C GLU B 252 -19.16 -26.68 -11.94
N SER B 253 -20.05 -25.67 -11.75
CA SER B 253 -19.64 -24.26 -11.63
C SER B 253 -19.03 -24.00 -10.26
N LEU B 254 -19.70 -24.43 -9.19
CA LEU B 254 -19.22 -24.24 -7.84
C LEU B 254 -19.04 -25.61 -7.13
N PRO B 255 -17.82 -26.22 -7.21
CA PRO B 255 -17.60 -27.54 -6.58
C PRO B 255 -17.88 -27.59 -5.09
N TYR B 256 -18.09 -28.81 -4.56
CA TYR B 256 -18.38 -29.05 -3.15
C TYR B 256 -17.20 -28.80 -2.21
N ASP B 257 -15.96 -28.72 -2.77
CA ASP B 257 -14.73 -28.44 -2.04
C ASP B 257 -14.64 -27.01 -1.53
N ILE B 258 -15.52 -26.12 -2.05
CA ILE B 258 -15.56 -24.71 -1.68
C ILE B 258 -15.88 -24.55 -0.20
N PRO B 259 -14.97 -23.96 0.58
CA PRO B 259 -15.28 -23.67 1.98
C PRO B 259 -16.44 -22.69 2.10
N HIS B 260 -17.37 -22.94 3.03
CA HIS B 260 -18.56 -22.13 3.33
C HIS B 260 -19.44 -21.90 2.11
N ARG B 261 -19.53 -22.93 1.25
CA ARG B 261 -20.28 -22.98 -0.02
C ARG B 261 -21.69 -22.48 0.09
N ALA B 262 -22.44 -22.95 1.08
CA ALA B 262 -23.83 -22.57 1.31
C ALA B 262 -23.94 -21.08 1.67
N ARG B 263 -23.09 -20.63 2.59
CA ARG B 263 -23.03 -19.25 3.07
C ARG B 263 -22.70 -18.27 1.93
N MET B 264 -21.86 -18.76 1.01
CA MET B 264 -21.42 -18.01 -0.17
C MET B 264 -22.53 -17.92 -1.17
N ILE B 265 -23.14 -19.09 -1.55
CA ILE B 265 -24.27 -19.21 -2.48
C ILE B 265 -25.42 -18.25 -2.13
N SER B 266 -25.81 -18.22 -0.86
CA SER B 266 -26.85 -17.32 -0.37
C SER B 266 -26.52 -15.84 -0.60
N LEU B 267 -25.25 -15.46 -0.34
CA LEU B 267 -24.78 -14.09 -0.51
C LEU B 267 -24.84 -13.66 -1.99
N ILE B 268 -24.35 -14.55 -2.92
CA ILE B 268 -24.34 -14.32 -4.38
C ILE B 268 -25.79 -14.14 -4.85
N GLU B 269 -26.64 -15.16 -4.56
CA GLU B 269 -28.06 -15.23 -4.92
C GLU B 269 -28.85 -14.00 -4.44
N SER B 270 -28.59 -13.55 -3.22
CA SER B 270 -29.28 -12.37 -2.71
C SER B 270 -28.70 -11.10 -3.32
N GLY B 271 -27.38 -11.10 -3.54
CA GLY B 271 -26.64 -9.97 -4.11
C GLY B 271 -27.06 -9.62 -5.53
N TRP B 272 -27.33 -10.65 -6.35
CA TRP B 272 -27.73 -10.46 -7.74
C TRP B 272 -29.25 -10.60 -7.97
N ALA B 273 -30.05 -10.31 -6.94
CA ALA B 273 -31.51 -10.37 -6.97
C ALA B 273 -32.07 -9.41 -8.01
N GLN B 274 -33.11 -9.82 -8.77
CA GLN B 274 -33.78 -8.97 -9.77
C GLN B 274 -34.27 -7.63 -9.14
N ASN B 275 -34.84 -7.74 -7.92
CA ASN B 275 -35.33 -6.62 -7.14
C ASN B 275 -34.19 -5.96 -6.36
N PRO B 276 -33.81 -4.72 -6.74
CA PRO B 276 -32.71 -4.03 -6.02
C PRO B 276 -32.89 -3.92 -4.50
N ASP B 277 -34.15 -3.83 -4.05
CA ASP B 277 -34.51 -3.71 -2.64
C ASP B 277 -34.25 -5.02 -1.90
N GLU B 278 -34.23 -6.16 -2.63
CA GLU B 278 -33.98 -7.47 -2.02
C GLU B 278 -32.49 -7.85 -1.98
N ARG B 279 -31.61 -6.86 -2.28
CA ARG B 279 -30.17 -7.03 -2.32
C ARG B 279 -29.52 -6.48 -1.05
N PRO B 280 -28.66 -7.29 -0.37
CA PRO B 280 -27.98 -6.81 0.84
C PRO B 280 -27.09 -5.58 0.66
N SER B 281 -26.71 -4.96 1.79
CA SER B 281 -25.84 -3.80 1.87
C SER B 281 -24.40 -4.31 1.89
N PHE B 282 -23.43 -3.38 1.82
CA PHE B 282 -22.03 -3.76 1.92
C PHE B 282 -21.66 -4.11 3.36
N LEU B 283 -22.35 -3.47 4.35
CA LEU B 283 -22.22 -3.74 5.78
C LEU B 283 -22.58 -5.20 6.05
N LYS B 284 -23.75 -5.64 5.53
CA LYS B 284 -24.19 -7.02 5.68
C LYS B 284 -23.21 -8.04 5.07
N CYS B 285 -22.55 -7.72 3.92
CA CYS B 285 -21.55 -8.59 3.29
C CYS B 285 -20.38 -8.74 4.20
N LEU B 286 -19.85 -7.59 4.69
CA LEU B 286 -18.75 -7.55 5.64
C LEU B 286 -19.12 -8.38 6.87
N ILE B 287 -20.36 -8.16 7.42
CA ILE B 287 -20.93 -8.90 8.54
C ILE B 287 -21.00 -10.40 8.21
N GLU B 288 -21.19 -10.77 6.94
CA GLU B 288 -21.22 -12.19 6.56
C GLU B 288 -19.85 -12.78 6.27
N LEU B 289 -18.87 -11.97 5.84
CA LEU B 289 -17.52 -12.46 5.49
C LEU B 289 -16.59 -12.54 6.69
N GLU B 290 -16.62 -11.50 7.58
CA GLU B 290 -15.83 -11.42 8.82
C GLU B 290 -15.75 -12.77 9.61
N PRO B 291 -16.87 -13.52 9.83
CA PRO B 291 -16.73 -14.85 10.46
C PRO B 291 -15.90 -15.83 9.63
N VAL B 292 -16.12 -15.89 8.30
CA VAL B 292 -15.39 -16.79 7.38
C VAL B 292 -13.88 -16.40 7.31
N LEU B 293 -13.58 -15.12 7.54
CA LEU B 293 -12.20 -14.62 7.53
C LEU B 293 -11.40 -15.04 8.77
N ARG B 294 -12.10 -15.15 9.92
CA ARG B 294 -11.54 -15.55 11.23
C ARG B 294 -11.21 -17.04 11.21
N THR B 295 -11.80 -17.79 10.26
CA THR B 295 -11.57 -19.22 10.08
C THR B 295 -10.10 -19.55 9.66
N PHE B 296 -9.34 -18.55 9.17
CA PHE B 296 -7.94 -18.72 8.74
C PHE B 296 -6.98 -17.93 9.60
N GLU B 297 -5.73 -18.42 9.75
CA GLU B 297 -4.66 -17.75 10.49
C GLU B 297 -3.95 -16.79 9.54
N GLU B 298 -3.42 -15.65 10.06
CA GLU B 298 -2.71 -14.64 9.25
C GLU B 298 -1.56 -15.21 8.40
N ILE B 299 -0.90 -16.27 8.89
CA ILE B 299 0.20 -16.95 8.19
C ILE B 299 -0.25 -17.66 6.89
N THR B 300 -1.52 -18.10 6.83
CA THR B 300 -2.02 -18.81 5.64
C THR B 300 -2.23 -17.91 4.44
N PHE B 301 -2.49 -16.60 4.71
CA PHE B 301 -2.65 -15.61 3.64
C PHE B 301 -1.31 -15.38 2.99
N LEU B 302 -0.27 -15.28 3.83
CA LEU B 302 1.11 -15.11 3.38
C LEU B 302 1.58 -16.36 2.67
N GLU B 303 1.16 -17.55 3.16
CA GLU B 303 1.53 -18.80 2.49
C GLU B 303 0.84 -18.94 1.12
N ALA B 304 -0.44 -18.45 0.99
CA ALA B 304 -1.21 -18.45 -0.24
C ALA B 304 -0.53 -17.61 -1.35
N VAL B 305 -0.10 -16.38 -0.99
CA VAL B 305 0.55 -15.42 -1.86
C VAL B 305 1.90 -15.94 -2.33
N ILE B 306 2.71 -16.51 -1.39
CA ILE B 306 4.01 -17.09 -1.65
C ILE B 306 3.89 -18.21 -2.70
N GLN B 307 2.74 -18.92 -2.72
CA GLN B 307 2.40 -19.97 -3.69
C GLN B 307 2.17 -19.38 -5.09
N LEU B 308 2.03 -18.06 -5.21
CA LEU B 308 1.85 -17.41 -6.53
C LEU B 308 3.11 -16.64 -6.96
N LYS B 309 3.93 -16.16 -5.98
CA LYS B 309 5.15 -15.33 -6.16
C LYS B 309 6.28 -16.00 -6.94
N LYS B 310 7.08 -15.20 -7.70
CA LYS B 310 8.22 -15.61 -8.53
C LYS B 310 9.49 -15.81 -7.70
C1 9WS C . 1.02 5.13 13.65
C2 9WS C . 1.62 4.25 14.46
C3 9WS C . 1.19 6.60 13.59
C12 9WS C . -0.61 9.62 13.11
C13 9WS C . 3.05 3.39 16.19
C14 9WS C . 2.50 2.07 15.83
C16 9WS C . 1.69 9.35 12.46
C17 9WS C . -0.47 11.01 13.04
C18 9WS C . 1.84 10.73 12.39
C19 9WS C . 0.75 11.57 12.68
N4 9WS C . 1.20 3.03 14.21
N5 9WS C . 0.30 3.10 13.20
C6 9WS C . 0.14 4.30 12.81
N7 9WS C . 0.32 7.37 12.90
C8 9WS C . 0.47 8.78 12.83
C9 9WS C . 2.62 4.47 15.53
C10 9WS C . 1.60 1.97 14.84
O11 9WS C . 2.16 7.08 14.17
CL15 9WS C . -2.16 8.94 13.57
S SO4 D . 21.64 -10.49 14.60
O1 SO4 D . 22.36 -9.44 13.88
O2 SO4 D . 21.41 -10.11 16.00
O3 SO4 D . 20.36 -10.77 13.95
O4 SO4 D . 22.44 -11.71 14.58
S SO4 E . 19.00 15.28 -2.51
O1 SO4 E . 19.42 16.65 -2.76
O2 SO4 E . 19.87 14.68 -1.49
O3 SO4 E . 17.62 15.28 -2.04
O4 SO4 E . 19.07 14.50 -3.76
C1 9WS F . -3.26 0.36 -13.42
C2 9WS F . -3.06 -0.86 -13.94
C3 9WS F . -4.32 1.34 -13.72
C12 9WS F . -4.94 4.81 -14.09
C13 9WS F . -3.40 -2.81 -15.30
C14 9WS F . -2.20 -3.34 -14.64
C16 9WS F . -6.61 3.28 -13.27
C17 9WS F . -5.93 5.75 -14.37
C18 9WS F . -7.62 4.21 -13.54
C19 9WS F . -7.27 5.46 -14.09
N4 9WS F . -2.00 -1.41 -13.42
N5 9WS F . -1.47 -0.55 -12.51
C6 9WS F . -2.15 0.52 -12.45
N7 9WS F . -4.25 2.61 -13.26
C8 9WS F . -5.27 3.57 -13.54
C9 9WS F . -3.83 -1.59 -14.97
C10 9WS F . -1.56 -2.60 -13.73
O11 9WS F . -5.26 0.96 -14.40
CL15 9WS F . -3.26 5.20 -14.44
S SO4 G . -24.90 -0.01 1.20
O1 SO4 G . -26.13 0.25 1.95
O2 SO4 G . -23.93 -0.65 2.09
O3 SO4 G . -25.23 -0.91 0.09
O4 SO4 G . -24.35 1.24 0.68
#